data_8U60
#
_entry.id   8U60
#
_cell.length_a   36.374
_cell.length_b   186.217
_cell.length_c   104.339
_cell.angle_alpha   90.000
_cell.angle_beta   90.000
_cell.angle_gamma   90.000
#
_symmetry.space_group_name_H-M   'C 2 2 21'
#
loop_
_entity.id
_entity.type
_entity.pdbx_description
1 polymer 'RNA Mango II variant 2 aptamer'
2 non-polymer 'POTASSIUM ION'
3 non-polymer 2-[(~{E})-[6-(4-methoxyphenyl)-1-methyl-quinolin-4-ylidene]methyl]-3-methyl-1,3-benzothiazole
4 water water
#
_entity_poly.entity_id   1
_entity_poly.type   'polyribonucleotide'
_entity_poly.pdbx_seq_one_letter_code
;GCGUACGAAGGAGAGGAGAGGAUGAGGAGAGUACGC
;
_entity_poly.pdbx_strand_id   A,B,C
#
loop_
_chem_comp.id
_chem_comp.type
_chem_comp.name
_chem_comp.formula
A RNA linking ADENOSINE-5'-MONOPHOSPHATE 'C10 H14 N5 O7 P'
C RNA linking CYTIDINE-5'-MONOPHOSPHATE 'C9 H14 N3 O8 P'
G RNA linking GUANOSINE-5'-MONOPHOSPHATE 'C10 H14 N5 O8 P'
K non-polymer 'POTASSIUM ION' 'K 1'
U RNA linking URIDINE-5'-MONOPHOSPHATE 'C9 H13 N2 O9 P'
VK0 non-polymer 2-[(~{E})-[6-(4-methoxyphenyl)-1-methyl-quinolin-4-ylidene]methyl]-3-methyl-1,3-benzothiazole 'C26 H23 N2 O S 1'
#
# COMPACT_ATOMS: atom_id res chain seq x y z
K K D . -18.50 -5.33 -5.23
K K E . -18.55 -4.71 -8.79
K K F . -18.63 -3.36 -11.85
K K G . -20.64 13.71 -11.41
C1 VK0 H . -16.77 -13.83 -2.94
C2 VK0 H . -17.96 -12.58 -1.34
C3 VK0 H . -17.66 -11.44 -0.61
C4 VK0 H . -18.65 -10.49 -0.37
C5 VK0 H . -19.92 -10.68 -0.87
C6 VK0 H . -21.02 -9.64 -0.60
C7 VK0 H . -22.38 -10.05 -0.55
C8 VK0 H . -23.39 -9.13 -0.29
C9 VK0 H . -23.07 -7.77 -0.09
C10 VK0 H . -21.71 -7.34 -0.14
C11 VK0 H . -20.70 -8.29 -0.40
C12 VK0 H . -21.36 -5.87 0.08
C16 VK0 H . -18.58 -0.81 2.28
C17 VK0 H . -17.28 -0.34 2.48
C18 VK0 H . -16.19 -1.13 2.10
C19 VK0 H . -16.40 -2.36 1.50
C20 VK0 H . -17.72 -2.83 1.29
C21 VK0 H . -17.05 -5.07 0.21
O1 VK0 H . -16.96 -13.54 -1.59
N1 VK0 H . -18.03 -4.11 0.68
C13 VK0 H . -20.07 -5.53 0.01
C14 VK0 H . -19.41 -4.28 0.61
C15 VK0 H . -18.80 -2.05 1.67
C22 VK0 H . -22.45 -4.91 0.34
C23 VK0 H . -23.86 -5.36 0.40
C24 VK0 H . -25.57 -7.22 0.23
C25 VK0 H . -20.22 -11.82 -1.60
C26 VK0 H . -19.25 -12.77 -1.84
N2 VK0 H . -24.19 -6.77 0.18
S1 VK0 H . -20.15 -2.91 1.27
K K I . 9.20 4.62 -2.34
K K J . 8.54 6.84 -5.36
K K K . 9.67 2.49 0.05
K K L . 1.00 -6.12 -3.93
C1 VK0 M . 11.85 5.51 -14.05
C2 VK0 M . 11.54 7.76 -13.39
C3 VK0 M . 11.47 9.11 -13.69
C4 VK0 M . 11.48 10.04 -12.66
C5 VK0 M . 11.55 9.63 -11.35
C6 VK0 M . 11.57 10.67 -10.22
C7 VK0 M . 12.82 11.02 -9.66
C8 VK0 M . 12.89 11.98 -8.63
C9 VK0 M . 11.71 12.57 -8.16
C10 VK0 M . 10.44 12.22 -8.72
C11 VK0 M . 10.39 11.27 -9.75
C12 VK0 M . 9.16 12.89 -8.19
C16 VK0 M . 3.46 14.22 -6.19
C17 VK0 M . 2.29 13.50 -5.98
C18 VK0 M . 2.20 12.17 -6.45
C19 VK0 M . 3.26 11.60 -7.11
C20 VK0 M . 4.44 12.33 -7.32
C21 VK0 M . 5.72 10.46 -8.57
O1 VK0 M . 11.51 6.82 -14.43
N1 VK0 M . 5.62 11.81 -8.01
C13 VK0 M . 7.99 12.55 -8.72
C14 VK0 M . 6.62 12.77 -8.06
C15 VK0 M . 4.55 13.63 -6.87
C22 VK0 M . 9.26 13.88 -7.10
C23 VK0 M . 10.59 14.24 -6.52
C24 VK0 M . 13.10 13.94 -6.49
C25 VK0 M . 11.61 8.28 -11.05
C26 VK0 M . 11.60 7.34 -12.07
N2 VK0 M . 11.81 13.60 -7.04
S1 VK0 M . 6.06 14.16 -7.30
K K N . 10.14 0.44 2.78
K K O . 10.65 -1.72 5.56
K K P . 17.35 -10.03 1.56
K K Q . 22.92 13.44 -4.43
C1 VK0 R . 5.30 -10.63 8.87
C2 VK0 R . 6.13 -8.44 8.73
C3 VK0 R . 5.49 -7.21 8.57
C4 VK0 R . 5.94 -6.09 9.25
C5 VK0 R . 7.05 -6.19 10.08
C6 VK0 R . 7.57 -4.96 10.83
C7 VK0 R . 6.69 -4.17 11.62
C8 VK0 R . 7.16 -3.05 12.32
C9 VK0 R . 8.52 -2.70 12.23
C10 VK0 R . 9.41 -3.49 11.45
C11 VK0 R . 8.93 -4.61 10.75
C12 VK0 R . 10.89 -3.11 11.35
C16 VK0 R . 17.07 -3.24 10.78
C17 VK0 R . 18.03 -3.89 9.99
C18 VK0 R . 17.62 -4.82 9.03
C19 VK0 R . 16.27 -5.10 8.85
C20 VK0 R . 15.31 -4.44 9.66
C21 VK0 R . 13.26 -5.59 8.60
O1 VK0 R . 5.66 -9.57 8.04
N1 VK0 R . 13.88 -4.66 9.54
C13 VK0 R . 11.66 -3.89 10.58
C14 VK0 R . 13.20 -3.87 10.45
C15 VK0 R . 15.72 -3.52 10.61
C22 VK0 R . 11.38 -1.93 12.08
C23 VK0 R . 10.45 -1.11 12.90
C24 VK0 R . 8.13 -0.69 13.80
C25 VK0 R . 7.69 -7.41 10.24
C26 VK0 R . 7.23 -8.53 9.56
N2 VK0 R . 9.03 -1.48 12.99
S1 VK0 R . 14.32 -2.96 11.33
#